data_7XM3
#
_entry.id   7XM3
#
_cell.length_a   126.828
_cell.length_b   76.116
_cell.length_c   48.246
_cell.angle_alpha   90.000
_cell.angle_beta   105.194
_cell.angle_gamma   90.000
#
_symmetry.space_group_name_H-M   'C 1 2 1'
#
loop_
_entity.id
_entity.type
_entity.pdbx_description
1 polymer 'Kelch-like ECH-associated protein 1'
2 non-polymer N-[4-[(2-azanyl-2-oxidanylidene-ethyl)-[4-[(2-azanyl-2-oxidanylidene-ethyl)-(4-methoxyphenyl)sulfonyl-amino]naphthalen-1-yl]sulfamoyl]phenyl]-3-(4-ethylpiperazin-1-yl)propanamide
#
_entity_poly.entity_id   1
_entity_poly.type   'polypeptide(L)'
_entity_poly.pdbx_seq_one_letter_code
;GSHAPKVGRLIYTAGGYFRQSLSYLEAYNPSDGTWLRLADLQVPRSGLAGCVVGGLLYAVGGRNNSPDGNTDSSALDCYN
PMTNQWSPCAPMSVPRNRIGVGVIDGHIYAVGGSHGCIHHNSVERYEPERDEWHLVAPMLTRRIGVGVAVLNRLLYAVGG
FDGTNRLNSAECYYPERNEWRMITAMNTIRSGAGVCVLHNCIYAAGGYDGQDQLNSVERYDVETETWTFVAPMKHRRSAL
GITVHQGRIYVLGGYDGHTFLDSVECYDPDTDTWSEVTRMTSGRSGVGVAVT
;
_entity_poly.pdbx_strand_id   A
#
loop_
_chem_comp.id
_chem_comp.type
_chem_comp.name
_chem_comp.formula
GED non-polymer N-[4-[(2-azanyl-2-oxidanylidene-ethyl)-[4-[(2-azanyl-2-oxidanylidene-ethyl)-(4-methoxyphenyl)sulfonyl-amino]naphthalen-1-yl]sulfamoyl]phenyl]-3-(4-ethylpiperazin-1-yl)propanamide 'C36 H43 N7 O8 S2'
#
# COMPACT_ATOMS: atom_id res chain seq x y z
N LYS A 6 -2.60 -27.58 -6.13
CA LYS A 6 -2.76 -26.52 -5.14
C LYS A 6 -2.83 -25.14 -5.80
N VAL A 7 -3.19 -24.12 -5.02
CA VAL A 7 -3.30 -22.75 -5.50
C VAL A 7 -2.37 -21.86 -4.68
N GLY A 8 -1.07 -22.10 -4.78
CA GLY A 8 -0.08 -21.48 -3.91
C GLY A 8 0.34 -20.06 -4.25
N ARG A 9 -0.01 -19.13 -3.38
CA ARG A 9 0.33 -17.71 -3.52
C ARG A 9 -0.61 -17.04 -4.50
N LEU A 10 -1.57 -16.27 -3.98
CA LEU A 10 -2.48 -15.44 -4.76
C LEU A 10 -2.26 -13.98 -4.42
N ILE A 11 -2.85 -13.10 -5.21
CA ILE A 11 -2.85 -11.67 -4.95
C ILE A 11 -4.22 -11.31 -4.36
N TYR A 12 -4.23 -10.90 -3.09
CA TYR A 12 -5.48 -10.59 -2.42
C TYR A 12 -5.76 -9.09 -2.44
N THR A 13 -7.00 -8.73 -2.73
CA THR A 13 -7.46 -7.34 -2.73
C THR A 13 -8.62 -7.20 -1.76
N ALA A 14 -8.48 -6.28 -0.79
CA ALA A 14 -9.54 -6.00 0.17
C ALA A 14 -10.00 -4.57 0.05
N GLY A 15 -11.31 -4.37 0.26
CA GLY A 15 -11.95 -3.08 0.27
C GLY A 15 -11.84 -2.37 -1.08
N GLY A 16 -11.84 -1.05 -1.00
CA GLY A 16 -11.81 -0.20 -2.17
C GLY A 16 -12.97 0.77 -2.17
N TYR A 17 -12.99 1.58 -3.21
CA TYR A 17 -14.04 2.58 -3.41
C TYR A 17 -14.54 2.52 -4.85
N PHE A 18 -15.86 2.65 -4.99
CA PHE A 18 -16.51 2.92 -6.26
C PHE A 18 -17.97 3.25 -6.00
N ARG A 19 -18.29 4.54 -5.94
CA ARG A 19 -19.57 5.08 -5.52
C ARG A 19 -19.76 4.95 -4.01
N GLN A 20 -18.91 4.19 -3.33
CA GLN A 20 -19.01 3.99 -1.89
C GLN A 20 -17.90 3.03 -1.48
N SER A 21 -17.63 2.99 -0.17
CA SER A 21 -16.67 2.05 0.37
C SER A 21 -17.16 0.62 0.14
N LEU A 22 -16.23 -0.28 -0.20
CA LEU A 22 -16.58 -1.64 -0.55
C LEU A 22 -16.17 -2.60 0.55
N SER A 23 -16.70 -3.82 0.46
CA SER A 23 -16.36 -4.92 1.36
C SER A 23 -15.76 -6.08 0.59
N TYR A 24 -15.59 -5.93 -0.72
CA TYR A 24 -15.09 -7.03 -1.55
C TYR A 24 -13.75 -7.52 -1.02
N LEU A 25 -13.58 -8.83 -1.04
CA LEU A 25 -12.28 -9.49 -0.86
C LEU A 25 -12.14 -10.50 -1.97
N GLU A 26 -11.26 -10.24 -2.92
CA GLU A 26 -11.07 -11.14 -4.05
C GLU A 26 -9.60 -11.49 -4.15
N ALA A 27 -9.33 -12.62 -4.78
CA ALA A 27 -7.97 -13.12 -4.96
C ALA A 27 -7.75 -13.42 -6.43
N TYR A 28 -6.51 -13.24 -6.87
CA TYR A 28 -6.15 -13.44 -8.26
C TYR A 28 -5.00 -14.44 -8.33
N ASN A 29 -5.13 -15.38 -9.28
CA ASN A 29 -4.16 -16.45 -9.49
C ASN A 29 -3.39 -16.19 -10.77
N PRO A 30 -2.19 -15.60 -10.71
CA PRO A 30 -1.45 -15.32 -11.96
C PRO A 30 -1.06 -16.58 -12.71
N SER A 31 -0.94 -17.71 -12.01
CA SER A 31 -0.85 -18.99 -12.72
C SER A 31 -2.12 -19.30 -13.50
N ASP A 32 -3.27 -18.76 -13.07
CA ASP A 32 -4.58 -19.07 -13.61
C ASP A 32 -5.06 -18.05 -14.63
N GLY A 33 -4.99 -16.77 -14.28
CA GLY A 33 -5.88 -15.80 -14.84
C GLY A 33 -7.23 -15.75 -14.16
N THR A 34 -7.44 -16.57 -13.12
CA THR A 34 -8.73 -16.69 -12.47
C THR A 34 -8.81 -15.84 -11.22
N TRP A 35 -10.03 -15.43 -10.90
CA TRP A 35 -10.35 -14.68 -9.70
C TRP A 35 -11.19 -15.54 -8.76
N LEU A 36 -11.04 -15.27 -7.46
CA LEU A 36 -11.77 -15.97 -6.42
C LEU A 36 -12.48 -14.94 -5.55
N ARG A 37 -13.76 -15.19 -5.26
CA ARG A 37 -14.49 -14.35 -4.34
C ARG A 37 -14.39 -14.96 -2.95
N LEU A 38 -13.93 -14.17 -1.99
CA LEU A 38 -13.76 -14.63 -0.62
C LEU A 38 -14.70 -13.86 0.30
N ALA A 39 -14.55 -14.13 1.60
CA ALA A 39 -15.46 -13.57 2.58
C ALA A 39 -15.41 -12.06 2.59
N ASP A 40 -16.58 -11.43 2.56
CA ASP A 40 -16.67 -9.98 2.60
C ASP A 40 -16.15 -9.42 3.92
N LEU A 41 -15.57 -8.22 3.86
CA LEU A 41 -15.18 -7.52 5.06
C LEU A 41 -16.39 -7.21 5.94
N GLN A 42 -16.24 -7.37 7.24
CA GLN A 42 -17.34 -7.05 8.15
C GLN A 42 -17.84 -5.62 7.93
N VAL A 43 -16.93 -4.68 7.76
CA VAL A 43 -17.25 -3.27 7.51
C VAL A 43 -16.57 -2.82 6.22
N PRO A 44 -17.30 -2.26 5.27
CA PRO A 44 -16.65 -1.82 4.03
C PRO A 44 -15.71 -0.67 4.32
N ARG A 45 -14.55 -0.70 3.67
CA ARG A 45 -13.49 0.27 3.91
C ARG A 45 -12.77 0.56 2.60
N SER A 46 -12.19 1.76 2.52
CA SER A 46 -11.31 2.15 1.43
C SER A 46 -10.20 3.00 2.02
N GLY A 47 -9.13 3.17 1.25
CA GLY A 47 -7.98 3.88 1.77
C GLY A 47 -7.25 3.14 2.87
N LEU A 48 -7.41 1.82 2.92
CA LEU A 48 -6.72 0.98 3.88
C LEU A 48 -5.48 0.39 3.22
N ALA A 49 -4.71 -0.36 4.00
CA ALA A 49 -3.51 -1.01 3.52
C ALA A 49 -3.58 -2.49 3.84
N GLY A 50 -2.88 -3.29 3.03
CA GLY A 50 -2.84 -4.72 3.22
C GLY A 50 -1.41 -5.20 3.49
N CYS A 51 -1.31 -6.27 4.26
CA CYS A 51 -0.03 -6.93 4.46
C CYS A 51 -0.30 -8.36 4.90
N VAL A 52 0.77 -9.15 4.93
CA VAL A 52 0.69 -10.56 5.28
C VAL A 52 1.69 -10.84 6.39
N VAL A 53 1.27 -11.64 7.36
CA VAL A 53 2.15 -12.05 8.45
C VAL A 53 1.72 -13.43 8.91
N GLY A 54 2.61 -14.40 8.75
CA GLY A 54 2.27 -15.76 9.14
C GLY A 54 1.12 -16.35 8.35
N GLY A 55 1.03 -16.01 7.07
CA GLY A 55 -0.02 -16.51 6.21
C GLY A 55 -1.38 -15.91 6.46
N LEU A 56 -1.55 -15.08 7.48
CA LEU A 56 -2.77 -14.31 7.65
C LEU A 56 -2.65 -12.99 6.90
N LEU A 57 -3.76 -12.58 6.31
CA LEU A 57 -3.87 -11.30 5.64
C LEU A 57 -4.48 -10.28 6.60
N TYR A 58 -3.86 -9.12 6.72
CA TYR A 58 -4.38 -8.07 7.60
C TYR A 58 -4.83 -6.87 6.79
N ALA A 59 -5.95 -6.29 7.20
CA ALA A 59 -6.48 -5.05 6.66
C ALA A 59 -6.41 -3.98 7.75
N VAL A 60 -5.70 -2.89 7.46
CA VAL A 60 -5.33 -1.89 8.46
C VAL A 60 -5.85 -0.53 8.04
N GLY A 61 -6.63 0.10 8.91
CA GLY A 61 -7.02 1.48 8.68
C GLY A 61 -8.09 1.63 7.62
N GLY A 62 -8.11 2.79 6.98
CA GLY A 62 -9.08 3.11 5.96
C GLY A 62 -10.15 4.06 6.46
N ARG A 63 -11.23 4.13 5.69
CA ARG A 63 -12.40 4.93 6.02
C ARG A 63 -13.64 4.18 5.56
N ASN A 64 -14.70 4.23 6.38
CA ASN A 64 -16.02 3.76 5.97
C ASN A 64 -16.93 4.96 5.73
N ASN A 65 -17.65 4.94 4.61
CA ASN A 65 -18.57 6.02 4.25
C ASN A 65 -19.96 5.87 4.88
N THR A 71 -16.04 7.58 10.77
CA THR A 71 -15.85 7.01 9.44
C THR A 71 -14.36 6.63 9.18
N ASP A 72 -13.42 7.44 9.64
CA ASP A 72 -12.01 7.06 9.59
C ASP A 72 -11.73 5.93 10.58
N SER A 73 -11.08 4.87 10.11
CA SER A 73 -10.97 3.61 10.84
C SER A 73 -9.63 3.48 11.55
N SER A 74 -9.68 3.02 12.80
CA SER A 74 -8.50 2.52 13.48
C SER A 74 -8.43 1.01 13.47
N ALA A 75 -9.23 0.37 12.63
CA ALA A 75 -9.49 -1.05 12.72
C ALA A 75 -8.33 -1.85 12.16
N LEU A 76 -8.03 -2.96 12.83
CA LEU A 76 -7.15 -3.99 12.30
C LEU A 76 -7.94 -5.29 12.26
N ASP A 77 -8.00 -5.91 11.08
CA ASP A 77 -8.75 -7.13 10.92
C ASP A 77 -7.88 -8.18 10.26
N CYS A 78 -8.05 -9.41 10.68
CA CYS A 78 -7.24 -10.52 10.20
C CYS A 78 -8.11 -11.46 9.38
N TYR A 79 -7.58 -11.91 8.25
CA TYR A 79 -8.25 -12.86 7.39
C TYR A 79 -7.43 -14.14 7.34
N ASN A 80 -8.07 -15.28 7.62
CA ASN A 80 -7.40 -16.55 7.49
C ASN A 80 -7.79 -17.20 6.18
N PRO A 81 -6.85 -17.45 5.27
CA PRO A 81 -7.23 -18.11 4.01
C PRO A 81 -7.71 -19.53 4.22
N MET A 82 -7.27 -20.20 5.27
CA MET A 82 -7.68 -21.58 5.49
C MET A 82 -9.05 -21.69 6.16
N THR A 83 -9.50 -20.64 6.85
CA THR A 83 -10.87 -20.62 7.36
C THR A 83 -11.79 -19.70 6.57
N ASN A 84 -11.25 -18.91 5.62
CA ASN A 84 -12.04 -17.95 4.87
C ASN A 84 -12.90 -17.11 5.81
N GLN A 85 -12.29 -16.65 6.90
CA GLN A 85 -13.01 -15.93 7.95
C GLN A 85 -12.21 -14.72 8.40
N TRP A 86 -12.92 -13.63 8.68
CA TRP A 86 -12.32 -12.39 9.18
C TRP A 86 -12.43 -12.33 10.70
N SER A 87 -11.41 -11.79 11.35
CA SER A 87 -11.37 -11.74 12.81
C SER A 87 -10.81 -10.41 13.27
N PRO A 88 -11.51 -9.70 14.16
CA PRO A 88 -11.04 -8.38 14.60
C PRO A 88 -9.79 -8.48 15.49
N CYS A 89 -8.92 -7.48 15.37
CA CYS A 89 -7.72 -7.38 16.18
C CYS A 89 -7.74 -6.09 16.99
N ALA A 90 -6.80 -6.00 17.93
CA ALA A 90 -6.62 -4.77 18.68
C ALA A 90 -6.55 -3.58 17.71
N PRO A 91 -7.35 -2.55 17.90
CA PRO A 91 -7.29 -1.39 17.01
C PRO A 91 -6.07 -0.52 17.29
N MET A 92 -5.73 0.32 16.32
CA MET A 92 -4.64 1.25 16.53
C MET A 92 -5.03 2.29 17.58
N SER A 93 -4.03 3.01 18.06
CA SER A 93 -4.27 4.13 18.98
C SER A 93 -5.05 5.27 18.33
N VAL A 94 -4.98 5.42 17.01
CA VAL A 94 -5.70 6.49 16.32
C VAL A 94 -6.25 5.97 15.00
N PRO A 95 -7.31 6.59 14.50
CA PRO A 95 -7.75 6.30 13.13
C PRO A 95 -6.69 6.75 12.14
N ARG A 96 -6.58 6.03 11.03
CA ARG A 96 -5.54 6.26 10.03
C ARG A 96 -6.13 6.00 8.64
N ASN A 97 -6.70 7.04 8.05
CA ASN A 97 -7.14 6.98 6.68
C ASN A 97 -5.94 7.26 5.77
N ARG A 98 -5.93 6.63 4.60
CA ARG A 98 -4.80 6.73 3.67
C ARG A 98 -3.49 6.34 4.36
N ILE A 99 -3.55 5.24 5.08
CA ILE A 99 -2.42 4.71 5.84
C ILE A 99 -1.45 4.00 4.90
N GLY A 100 -0.18 3.99 5.30
CA GLY A 100 0.82 3.14 4.69
C GLY A 100 1.27 2.11 5.71
N VAL A 101 1.66 0.93 5.22
CA VAL A 101 1.97 -0.20 6.08
C VAL A 101 3.22 -0.93 5.59
N GLY A 102 3.98 -1.47 6.53
CA GLY A 102 5.13 -2.30 6.22
C GLY A 102 5.33 -3.31 7.32
N VAL A 103 6.01 -4.40 6.98
CA VAL A 103 6.23 -5.51 7.91
C VAL A 103 7.73 -5.68 8.12
N ILE A 104 8.15 -5.65 9.38
CA ILE A 104 9.51 -5.98 9.77
C ILE A 104 9.43 -7.10 10.81
N ASP A 105 10.09 -8.21 10.53
CA ASP A 105 10.17 -9.32 11.48
C ASP A 105 8.81 -9.64 12.08
N GLY A 106 7.84 -9.87 11.21
CA GLY A 106 6.50 -10.27 11.63
C GLY A 106 5.70 -9.21 12.34
N HIS A 107 6.17 -7.96 12.36
CA HIS A 107 5.48 -6.87 13.02
C HIS A 107 5.00 -5.87 11.97
N ILE A 108 3.78 -5.36 12.14
CA ILE A 108 3.15 -4.46 11.17
C ILE A 108 3.34 -3.03 11.65
N TYR A 109 3.99 -2.21 10.82
CA TYR A 109 4.15 -0.79 11.09
C TYR A 109 3.06 -0.02 10.38
N ALA A 110 2.32 0.78 11.13
CA ALA A 110 1.29 1.65 10.56
C ALA A 110 1.85 3.05 10.49
N VAL A 111 1.92 3.62 9.29
CA VAL A 111 2.64 4.87 9.07
C VAL A 111 1.64 5.92 8.63
N GLY A 112 1.57 7.02 9.40
CA GLY A 112 0.90 8.22 8.95
C GLY A 112 -0.60 8.05 8.85
N GLY A 113 -1.16 8.58 7.77
CA GLY A 113 -2.59 8.61 7.57
C GLY A 113 -3.25 9.81 8.23
N SER A 114 -4.55 9.90 8.01
CA SER A 114 -5.34 11.02 8.51
C SER A 114 -6.48 10.52 9.39
N HIS A 115 -6.90 11.40 10.30
CA HIS A 115 -8.11 11.23 11.10
C HIS A 115 -8.86 12.55 10.96
N GLY A 116 -9.85 12.60 10.09
CA GLY A 116 -10.41 13.87 9.73
C GLY A 116 -9.36 14.81 9.19
N CYS A 117 -9.08 15.87 9.93
CA CYS A 117 -8.17 16.90 9.44
C CYS A 117 -6.77 16.80 10.05
N ILE A 118 -6.62 16.04 11.13
CA ILE A 118 -5.30 15.67 11.64
C ILE A 118 -4.55 14.85 10.59
N HIS A 119 -3.36 15.30 10.24
CA HIS A 119 -2.44 14.54 9.42
C HIS A 119 -1.37 13.96 10.35
N HIS A 120 -1.33 12.63 10.43
CA HIS A 120 -0.42 11.97 11.35
C HIS A 120 1.00 12.00 10.79
N ASN A 121 1.94 12.29 11.68
CA ASN A 121 3.32 11.90 11.45
C ASN A 121 3.72 10.77 12.38
N SER A 122 2.80 10.28 13.20
CA SER A 122 3.07 9.23 14.16
C SER A 122 3.08 7.87 13.49
N VAL A 123 3.58 6.88 14.23
CA VAL A 123 3.78 5.53 13.68
C VAL A 123 3.69 4.54 14.82
N GLU A 124 2.86 3.52 14.66
CA GLU A 124 2.74 2.47 15.65
C GLU A 124 3.09 1.12 15.05
N ARG A 125 3.40 0.18 15.94
CA ARG A 125 3.88 -1.14 15.59
C ARG A 125 2.98 -2.15 16.27
N TYR A 126 2.57 -3.17 15.54
CA TYR A 126 1.64 -4.18 16.03
C TYR A 126 2.34 -5.52 16.09
N GLU A 127 2.28 -6.15 17.27
CA GLU A 127 2.85 -7.48 17.49
C GLU A 127 1.74 -8.51 17.45
N PRO A 128 1.70 -9.39 16.45
CA PRO A 128 0.64 -10.41 16.42
C PRO A 128 0.75 -11.42 17.54
N GLU A 129 1.97 -11.69 18.02
CA GLU A 129 2.14 -12.57 19.16
C GLU A 129 1.37 -12.07 20.39
N ARG A 130 1.25 -10.76 20.55
CA ARG A 130 0.59 -10.21 21.74
C ARG A 130 -0.67 -9.40 21.44
N ASP A 131 -1.07 -9.23 20.18
CA ASP A 131 -2.25 -8.44 19.84
C ASP A 131 -2.20 -7.08 20.54
N GLU A 132 -1.09 -6.38 20.32
CA GLU A 132 -0.82 -5.12 20.98
C GLU A 132 -0.21 -4.14 19.99
N TRP A 133 -0.51 -2.85 20.19
CA TRP A 133 0.05 -1.77 19.40
C TRP A 133 0.92 -0.90 20.29
N HIS A 134 2.02 -0.40 19.73
CA HIS A 134 2.89 0.51 20.47
C HIS A 134 3.44 1.57 19.52
N LEU A 135 3.33 2.83 19.92
CA LEU A 135 3.93 3.92 19.19
C LEU A 135 5.44 3.75 19.12
N VAL A 136 5.99 4.01 17.95
CA VAL A 136 7.44 4.12 17.79
C VAL A 136 7.73 5.59 17.46
N ALA A 137 8.98 5.90 17.14
CA ALA A 137 9.35 7.28 16.85
C ALA A 137 8.52 7.84 15.70
N PRO A 138 8.03 9.07 15.80
CA PRO A 138 7.26 9.68 14.71
C PRO A 138 8.15 10.14 13.57
N MET A 139 7.58 10.13 12.37
CA MET A 139 8.27 10.63 11.19
C MET A 139 8.60 12.12 11.33
N LEU A 140 9.60 12.56 10.57
CA LEU A 140 9.92 13.97 10.48
C LEU A 140 8.83 14.76 9.76
N THR A 141 7.96 14.08 9.01
CA THR A 141 6.95 14.72 8.17
C THR A 141 5.61 14.03 8.37
N ARG A 142 4.55 14.82 8.49
CA ARG A 142 3.22 14.24 8.44
C ARG A 142 2.93 13.80 7.02
N ARG A 143 2.38 12.59 6.85
CA ARG A 143 2.18 12.01 5.53
C ARG A 143 0.91 11.19 5.52
N ILE A 144 -0.04 11.59 4.69
CA ILE A 144 -1.17 10.73 4.39
C ILE A 144 -1.06 10.36 2.92
N GLY A 145 -1.63 9.22 2.54
CA GLY A 145 -1.40 8.70 1.19
C GLY A 145 0.07 8.44 0.91
N VAL A 146 0.77 7.90 1.89
CA VAL A 146 2.21 7.70 1.84
C VAL A 146 2.48 6.25 1.42
N GLY A 147 3.41 6.07 0.47
CA GLY A 147 3.87 4.73 0.15
C GLY A 147 4.89 4.25 1.17
N VAL A 148 4.84 2.96 1.50
CA VAL A 148 5.68 2.37 2.53
C VAL A 148 6.32 1.09 1.98
N ALA A 149 7.64 0.95 2.17
CA ALA A 149 8.39 -0.22 1.71
C ALA A 149 9.46 -0.57 2.74
N VAL A 150 9.72 -1.87 2.88
CA VAL A 150 10.72 -2.39 3.80
C VAL A 150 11.86 -2.97 2.99
N LEU A 151 13.09 -2.62 3.36
CA LEU A 151 14.26 -3.00 2.58
C LEU A 151 15.46 -3.01 3.51
N ASN A 152 16.16 -4.15 3.55
CA ASN A 152 17.26 -4.37 4.50
C ASN A 152 16.83 -4.00 5.92
N ARG A 153 15.67 -4.50 6.32
CA ARG A 153 15.16 -4.27 7.67
C ARG A 153 15.06 -2.78 8.01
N LEU A 154 14.93 -1.95 6.99
CA LEU A 154 14.67 -0.52 7.15
C LEU A 154 13.31 -0.20 6.53
N LEU A 155 12.48 0.54 7.26
CA LEU A 155 11.19 0.99 6.75
C LEU A 155 11.37 2.31 6.01
N TYR A 156 10.78 2.42 4.82
CA TYR A 156 10.83 3.63 4.03
C TYR A 156 9.43 4.22 3.88
N ALA A 157 9.30 5.52 4.17
CA ALA A 157 8.08 6.29 3.95
C ALA A 157 8.33 7.28 2.81
N VAL A 158 7.53 7.16 1.74
CA VAL A 158 7.79 7.82 0.46
C VAL A 158 6.55 8.63 0.05
N GLY A 159 6.78 9.89 -0.32
CA GLY A 159 5.76 10.85 -0.77
C GLY A 159 4.62 11.05 0.21
N GLY A 160 3.44 11.32 -0.35
CA GLY A 160 2.22 11.58 0.39
C GLY A 160 1.85 13.06 0.44
N PHE A 161 1.00 13.40 1.41
CA PHE A 161 0.50 14.75 1.60
C PHE A 161 0.59 15.08 3.09
N ASP A 162 1.20 16.23 3.42
CA ASP A 162 1.41 16.62 4.81
C ASP A 162 0.35 17.56 5.36
N GLY A 163 -0.75 17.76 4.63
CA GLY A 163 -1.80 18.67 5.01
C GLY A 163 -1.72 20.01 4.30
N THR A 164 -0.50 20.44 3.95
CA THR A 164 -0.28 21.67 3.18
C THR A 164 0.28 21.38 1.81
N ASN A 165 1.30 20.54 1.71
CA ASN A 165 1.99 20.26 0.47
C ASN A 165 1.92 18.79 0.10
N ARG A 166 1.67 18.53 -1.18
CA ARG A 166 2.03 17.24 -1.74
C ARG A 166 3.54 17.12 -1.74
N LEU A 167 4.05 15.91 -1.52
CA LEU A 167 5.44 15.71 -1.18
C LEU A 167 6.16 14.87 -2.21
N ASN A 168 7.44 15.18 -2.43
CA ASN A 168 8.36 14.31 -3.12
C ASN A 168 9.45 13.78 -2.21
N SER A 169 9.48 14.20 -0.95
CA SER A 169 10.52 13.74 -0.04
C SER A 169 10.29 12.28 0.34
N ALA A 170 11.27 11.72 1.03
CA ALA A 170 11.20 10.36 1.54
C ALA A 170 12.08 10.28 2.77
N GLU A 171 11.66 9.47 3.74
CA GLU A 171 12.46 9.26 4.92
C GLU A 171 12.54 7.77 5.21
N CYS A 172 13.42 7.46 6.15
CA CYS A 172 13.89 6.12 6.40
C CYS A 172 13.90 5.92 7.90
N TYR A 173 13.16 4.92 8.38
CA TYR A 173 13.13 4.62 9.80
C TYR A 173 14.07 3.48 10.12
N TYR A 174 14.76 3.59 11.25
CA TYR A 174 15.77 2.65 11.68
C TYR A 174 15.30 1.92 12.94
N PRO A 175 14.77 0.70 12.81
CA PRO A 175 14.21 0.04 14.01
C PRO A 175 15.19 -0.13 15.15
N GLU A 176 16.43 -0.51 14.87
CA GLU A 176 17.39 -0.75 15.94
C GLU A 176 17.69 0.50 16.75
N ARG A 177 17.71 1.66 16.10
CA ARG A 177 17.95 2.94 16.76
C ARG A 177 16.67 3.70 17.08
N ASN A 178 15.54 3.26 16.54
CA ASN A 178 14.25 3.95 16.68
C ASN A 178 14.34 5.42 16.26
N GLU A 179 14.78 5.66 15.02
CA GLU A 179 14.87 7.01 14.51
C GLU A 179 14.63 7.07 13.00
N TRP A 180 14.27 8.27 12.54
CA TRP A 180 14.01 8.56 11.14
C TRP A 180 15.09 9.47 10.58
N ARG A 181 15.43 9.27 9.31
CA ARG A 181 16.35 10.15 8.59
C ARG A 181 15.79 10.37 7.19
N MET A 182 15.71 11.63 6.77
CA MET A 182 15.32 11.91 5.39
C MET A 182 16.28 11.22 4.44
N ILE A 183 15.81 10.93 3.24
CA ILE A 183 16.67 10.42 2.18
C ILE A 183 16.43 11.26 0.93
N THR A 184 17.14 10.91 -0.12
CA THR A 184 17.04 11.65 -1.37
C THR A 184 15.57 11.77 -1.79
N ALA A 185 15.19 12.96 -2.22
CA ALA A 185 13.82 13.16 -2.69
C ALA A 185 13.63 12.52 -4.07
N MET A 186 12.37 12.28 -4.41
CA MET A 186 12.05 11.72 -5.72
C MET A 186 12.11 12.81 -6.78
N ASN A 187 12.07 12.37 -8.05
CA ASN A 187 11.98 13.28 -9.17
C ASN A 187 10.61 13.94 -9.29
N THR A 188 9.58 13.33 -8.71
CA THR A 188 8.22 13.83 -8.84
C THR A 188 7.53 13.84 -7.50
N ILE A 189 6.59 14.77 -7.35
CA ILE A 189 5.68 14.77 -6.22
C ILE A 189 4.65 13.68 -6.43
N ARG A 190 4.45 12.85 -5.41
CA ARG A 190 3.59 11.68 -5.51
C ARG A 190 2.85 11.49 -4.19
N SER A 191 1.53 11.65 -4.21
CA SER A 191 0.68 11.12 -3.16
C SER A 191 -0.16 10.00 -3.77
N GLY A 192 -0.68 9.12 -2.92
CA GLY A 192 -1.41 7.97 -3.42
C GLY A 192 -0.63 7.16 -4.42
N ALA A 193 0.68 7.03 -4.23
CA ALA A 193 1.47 6.19 -5.11
C ALA A 193 1.55 4.76 -4.58
N GLY A 194 1.81 3.84 -5.49
CA GLY A 194 2.19 2.50 -5.13
C GLY A 194 3.68 2.44 -4.87
N VAL A 195 4.05 1.97 -3.69
CA VAL A 195 5.45 1.76 -3.34
C VAL A 195 5.62 0.28 -3.02
N CYS A 196 6.70 -0.30 -3.54
CA CYS A 196 7.04 -1.68 -3.23
C CYS A 196 8.52 -1.87 -3.46
N VAL A 197 8.96 -3.10 -3.27
CA VAL A 197 10.37 -3.44 -3.33
C VAL A 197 10.50 -4.65 -4.23
N LEU A 198 11.22 -4.48 -5.33
CA LEU A 198 11.50 -5.54 -6.28
C LEU A 198 13.00 -5.58 -6.51
N HIS A 199 13.62 -6.72 -6.18
CA HIS A 199 15.04 -6.95 -6.38
C HIS A 199 15.88 -5.80 -5.81
N ASN A 200 15.83 -5.67 -4.48
CA ASN A 200 16.72 -4.77 -3.72
C ASN A 200 16.55 -3.30 -4.11
N CYS A 201 15.45 -2.94 -4.76
CA CYS A 201 15.15 -1.57 -5.16
C CYS A 201 13.76 -1.19 -4.67
N ILE A 202 13.56 0.09 -4.36
CA ILE A 202 12.24 0.61 -4.03
C ILE A 202 11.62 1.20 -5.28
N TYR A 203 10.40 0.79 -5.59
CA TYR A 203 9.66 1.27 -6.74
C TYR A 203 8.52 2.16 -6.29
N ALA A 204 8.30 3.25 -7.02
CA ALA A 204 7.20 4.18 -6.77
C ALA A 204 6.46 4.43 -8.07
N ALA A 205 5.30 3.78 -8.23
CA ALA A 205 4.51 3.83 -9.45
C ALA A 205 3.33 4.78 -9.29
N GLY A 206 3.11 5.61 -10.31
CA GLY A 206 1.93 6.45 -10.34
C GLY A 206 1.94 7.47 -9.22
N GLY A 207 0.75 7.71 -8.67
CA GLY A 207 0.55 8.76 -7.69
C GLY A 207 -0.12 9.98 -8.31
N TYR A 208 -0.23 11.03 -7.50
CA TYR A 208 -0.87 12.28 -7.86
C TYR A 208 0.05 13.42 -7.47
N ASP A 209 0.45 14.24 -8.44
CA ASP A 209 1.46 15.27 -8.25
C ASP A 209 0.88 16.64 -7.91
N GLY A 210 -0.42 16.72 -7.62
CA GLY A 210 -1.07 17.96 -7.27
C GLY A 210 -1.93 18.53 -8.39
N GLN A 211 -1.63 18.19 -9.64
CA GLN A 211 -2.51 18.57 -10.74
C GLN A 211 -2.93 17.39 -11.60
N ASP A 212 -2.20 16.28 -11.62
CA ASP A 212 -2.50 15.16 -12.52
C ASP A 212 -2.18 13.84 -11.83
N GLN A 213 -2.97 12.81 -12.16
CA GLN A 213 -2.55 11.45 -11.86
C GLN A 213 -1.39 11.07 -12.77
N LEU A 214 -0.38 10.43 -12.20
CA LEU A 214 0.84 10.11 -12.91
C LEU A 214 0.86 8.66 -13.35
N ASN A 215 1.45 8.41 -14.52
CA ASN A 215 1.79 7.06 -14.95
C ASN A 215 3.28 6.81 -14.94
N SER A 216 4.07 7.78 -14.47
CA SER A 216 5.52 7.62 -14.39
C SER A 216 5.90 6.66 -13.27
N VAL A 217 7.14 6.21 -13.31
CA VAL A 217 7.61 5.23 -12.35
C VAL A 217 9.10 5.43 -12.15
N GLU A 218 9.49 5.72 -10.93
CA GLU A 218 10.89 5.82 -10.56
C GLU A 218 11.19 4.75 -9.53
N ARG A 219 12.38 4.16 -9.63
CA ARG A 219 12.90 3.28 -8.60
C ARG A 219 14.13 3.91 -7.97
N TYR A 220 14.29 3.66 -6.68
CA TYR A 220 15.37 4.19 -5.88
C TYR A 220 16.42 3.10 -5.70
N ASP A 221 17.65 3.41 -6.07
CA ASP A 221 18.81 2.59 -5.73
C ASP A 221 19.39 3.15 -4.45
N VAL A 222 19.41 2.32 -3.40
CA VAL A 222 19.84 2.84 -2.10
C VAL A 222 21.31 3.22 -2.14
N GLU A 223 22.16 2.32 -2.67
CA GLU A 223 23.59 2.60 -2.61
C GLU A 223 23.94 3.88 -3.37
N THR A 224 23.40 4.07 -4.57
CA THR A 224 23.67 5.29 -5.31
C THR A 224 22.81 6.46 -4.87
N GLU A 225 21.82 6.24 -4.00
CA GLU A 225 21.05 7.33 -3.39
C GLU A 225 20.24 8.13 -4.40
N THR A 226 20.01 7.60 -5.60
CA THR A 226 19.33 8.34 -6.64
C THR A 226 18.05 7.65 -7.07
N TRP A 227 17.08 8.46 -7.50
CA TRP A 227 15.84 7.99 -8.11
C TRP A 227 15.97 8.10 -9.63
N THR A 228 15.83 6.98 -10.33
CA THR A 228 15.82 7.00 -11.78
C THR A 228 14.47 6.51 -12.28
N PHE A 229 13.94 7.18 -13.30
CA PHE A 229 12.69 6.77 -13.94
C PHE A 229 12.87 5.43 -14.66
N VAL A 230 11.77 4.69 -14.78
CA VAL A 230 11.72 3.47 -15.57
C VAL A 230 10.51 3.51 -16.48
N ALA A 231 10.30 2.42 -17.21
CA ALA A 231 9.18 2.31 -18.13
C ALA A 231 7.89 2.71 -17.42
N PRO A 232 7.10 3.64 -17.97
CA PRO A 232 5.87 4.04 -17.31
C PRO A 232 4.71 3.08 -17.58
N MET A 233 3.73 3.13 -16.68
CA MET A 233 2.52 2.35 -16.84
C MET A 233 1.70 2.84 -18.02
N LYS A 234 0.74 2.02 -18.44
CA LYS A 234 -0.12 2.41 -19.53
C LYS A 234 -1.27 3.31 -19.05
N HIS A 235 -1.71 3.15 -17.81
CA HIS A 235 -2.82 3.93 -17.27
C HIS A 235 -2.35 4.81 -16.12
N ARG A 236 -2.46 6.12 -16.28
CA ARG A 236 -2.36 7.02 -15.15
C ARG A 236 -3.22 6.50 -14.02
N ARG A 237 -2.73 6.60 -12.79
CA ARG A 237 -3.55 6.11 -11.70
C ARG A 237 -2.96 6.53 -10.36
N SER A 238 -3.83 6.86 -9.43
CA SER A 238 -3.48 7.09 -8.04
C SER A 238 -4.39 6.23 -7.17
N ALA A 239 -4.07 6.15 -5.88
CA ALA A 239 -4.83 5.30 -4.98
C ALA A 239 -4.91 3.89 -5.53
N LEU A 240 -3.77 3.40 -6.00
CA LEU A 240 -3.66 2.09 -6.64
C LEU A 240 -3.11 1.07 -5.64
N GLY A 241 -3.54 -0.16 -5.80
CA GLY A 241 -2.93 -1.26 -5.09
C GLY A 241 -1.69 -1.73 -5.82
N ILE A 242 -0.70 -2.19 -5.03
CA ILE A 242 0.57 -2.63 -5.59
C ILE A 242 1.04 -3.83 -4.80
N THR A 243 1.80 -4.70 -5.46
CA THR A 243 2.35 -5.86 -4.78
C THR A 243 3.42 -6.48 -5.69
N VAL A 244 4.17 -7.41 -5.14
CA VAL A 244 5.22 -8.12 -5.88
C VAL A 244 4.96 -9.62 -5.81
N HIS A 245 4.81 -10.24 -6.98
CA HIS A 245 4.62 -11.69 -7.08
C HIS A 245 5.60 -12.22 -8.11
N GLN A 246 6.46 -13.15 -7.68
CA GLN A 246 7.47 -13.80 -8.52
C GLN A 246 8.21 -12.80 -9.42
N GLY A 247 8.88 -11.85 -8.77
CA GLY A 247 9.76 -10.94 -9.48
C GLY A 247 9.09 -9.97 -10.40
N ARG A 248 7.78 -9.77 -10.27
CA ARG A 248 7.02 -8.83 -11.08
C ARG A 248 6.16 -7.95 -10.19
N ILE A 249 5.96 -6.71 -10.61
CA ILE A 249 5.10 -5.78 -9.90
C ILE A 249 3.71 -5.80 -10.50
N TYR A 250 2.71 -5.80 -9.64
CA TYR A 250 1.32 -5.74 -10.05
C TYR A 250 0.68 -4.49 -9.46
N VAL A 251 0.00 -3.72 -10.30
CA VAL A 251 -0.82 -2.60 -9.84
C VAL A 251 -2.27 -2.90 -10.19
N LEU A 252 -3.18 -2.48 -9.32
CA LEU A 252 -4.56 -2.91 -9.37
C LEU A 252 -5.47 -1.71 -9.18
N GLY A 253 -6.27 -1.40 -10.19
CA GLY A 253 -7.28 -0.38 -10.03
C GLY A 253 -6.67 0.99 -9.82
N GLY A 254 -7.37 1.81 -9.07
CA GLY A 254 -6.97 3.18 -8.82
C GLY A 254 -7.91 4.18 -9.49
N TYR A 255 -7.53 5.44 -9.39
CA TYR A 255 -8.26 6.55 -9.99
C TYR A 255 -7.33 7.27 -10.95
N ASP A 256 -7.82 7.53 -12.17
CA ASP A 256 -7.03 8.18 -13.21
C ASP A 256 -7.45 9.62 -13.47
N GLY A 257 -8.26 10.20 -12.61
CA GLY A 257 -8.75 11.55 -12.77
C GLY A 257 -10.14 11.68 -13.32
N HIS A 258 -10.74 10.57 -13.76
CA HIS A 258 -12.07 10.59 -14.35
C HIS A 258 -12.83 9.34 -13.92
N THR A 259 -12.26 8.16 -14.14
CA THR A 259 -12.93 6.90 -13.89
C THR A 259 -12.15 6.08 -12.87
N PHE A 260 -12.81 5.03 -12.36
CA PHE A 260 -12.19 4.08 -11.44
C PHE A 260 -11.74 2.85 -12.22
N LEU A 261 -10.43 2.63 -12.26
CA LEU A 261 -9.88 1.59 -13.12
C LEU A 261 -10.15 0.21 -12.55
N ASP A 262 -10.30 -0.76 -13.45
CA ASP A 262 -10.25 -2.16 -13.11
C ASP A 262 -9.04 -2.86 -13.70
N SER A 263 -8.17 -2.10 -14.37
CA SER A 263 -7.02 -2.66 -15.06
C SER A 263 -5.93 -3.09 -14.08
N VAL A 264 -5.30 -4.23 -14.38
CA VAL A 264 -4.18 -4.73 -13.59
C VAL A 264 -2.99 -4.87 -14.53
N GLU A 265 -2.00 -4.01 -14.37
CA GLU A 265 -0.80 -4.01 -15.17
C GLU A 265 0.34 -4.72 -14.43
N CYS A 266 1.22 -5.37 -15.19
CA CYS A 266 2.30 -6.15 -14.61
C CYS A 266 3.62 -5.67 -15.20
N TYR A 267 4.52 -5.22 -14.33
CA TYR A 267 5.81 -4.70 -14.77
C TYR A 267 6.87 -5.79 -14.73
N ASP A 268 7.54 -6.00 -15.86
CA ASP A 268 8.65 -6.95 -15.93
C ASP A 268 9.96 -6.20 -15.82
N PRO A 269 10.73 -6.40 -14.76
CA PRO A 269 12.02 -5.69 -14.66
C PRO A 269 13.04 -6.16 -15.68
N ASP A 270 13.07 -7.44 -16.03
CA ASP A 270 14.03 -7.94 -16.99
C ASP A 270 13.77 -7.41 -18.40
N THR A 271 12.56 -6.94 -18.70
CA THR A 271 12.26 -6.31 -19.97
C THR A 271 11.80 -4.86 -19.85
N ASP A 272 11.65 -4.33 -18.64
CA ASP A 272 11.24 -2.93 -18.42
C ASP A 272 10.00 -2.60 -19.24
N THR A 273 8.93 -3.37 -19.00
CA THR A 273 7.72 -3.27 -19.80
C THR A 273 6.49 -3.57 -18.96
N TRP A 274 5.44 -2.77 -19.15
CA TRP A 274 4.18 -2.91 -18.45
C TRP A 274 3.18 -3.59 -19.36
N SER A 275 2.75 -4.80 -18.98
CA SER A 275 1.68 -5.51 -19.66
C SER A 275 0.38 -5.31 -18.89
N GLU A 276 -0.74 -5.40 -19.60
CA GLU A 276 -2.04 -5.59 -18.97
C GLU A 276 -2.33 -7.08 -18.91
N VAL A 277 -2.53 -7.60 -17.69
CA VAL A 277 -2.60 -9.04 -17.48
C VAL A 277 -3.97 -9.50 -17.04
N THR A 278 -4.88 -8.59 -16.73
CA THR A 278 -6.24 -8.96 -16.34
C THR A 278 -7.03 -7.73 -15.96
N ARG A 279 -8.31 -7.92 -15.65
CA ARG A 279 -9.15 -6.85 -15.14
C ARG A 279 -9.88 -7.37 -13.92
N MET A 280 -9.95 -6.54 -12.88
CA MET A 280 -10.74 -6.88 -11.72
C MET A 280 -12.21 -7.03 -12.12
N THR A 281 -12.95 -7.78 -11.31
CA THR A 281 -14.37 -7.98 -11.58
C THR A 281 -15.10 -6.65 -11.73
N SER A 282 -14.60 -5.61 -11.09
CA SER A 282 -15.15 -4.26 -11.21
C SER A 282 -14.05 -3.27 -10.88
N GLY A 283 -14.18 -2.06 -11.44
CA GLY A 283 -13.20 -1.03 -11.16
C GLY A 283 -13.37 -0.47 -9.76
N ARG A 284 -12.23 -0.18 -9.13
CA ARG A 284 -12.21 0.37 -7.77
C ARG A 284 -10.88 1.05 -7.53
N SER A 285 -10.82 1.85 -6.47
CA SER A 285 -9.56 2.41 -5.99
C SER A 285 -9.51 2.27 -4.47
N GLY A 286 -8.35 2.60 -3.91
CA GLY A 286 -8.18 2.59 -2.47
C GLY A 286 -8.28 1.22 -1.85
N VAL A 287 -7.73 0.20 -2.51
CA VAL A 287 -7.80 -1.19 -2.06
C VAL A 287 -6.51 -1.52 -1.33
N GLY A 288 -6.61 -2.46 -0.38
CA GLY A 288 -5.43 -3.07 0.20
C GLY A 288 -5.06 -4.33 -0.58
N VAL A 289 -3.76 -4.51 -0.80
CA VAL A 289 -3.28 -5.64 -1.59
C VAL A 289 -2.13 -6.34 -0.86
N ALA A 290 -2.14 -7.66 -0.92
CA ALA A 290 -1.11 -8.49 -0.29
C ALA A 290 -0.95 -9.75 -1.13
N VAL A 291 0.07 -10.54 -0.79
CA VAL A 291 0.37 -11.77 -1.50
C VAL A 291 0.66 -12.88 -0.50
N THR A 292 -0.03 -14.01 -0.65
CA THR A 292 0.23 -15.19 0.19
C THR A 292 -0.39 -16.46 -0.42
C10 GED B . -8.57 8.46 -1.56
C10 GED B . -6.38 9.87 -2.02
N12 GED B . -5.14 10.84 -2.29
N12 GED B . -9.70 7.30 -1.51
C13 GED B . -5.65 11.85 -5.00
C13 GED B . -11.06 7.71 -3.94
C21 GED B . -5.60 13.23 -5.06
C21 GED B . -12.33 8.10 -3.58
C22 GED B . -6.45 13.92 -5.91
C22 GED B . -13.01 9.03 -4.34
C24 GED B . -7.41 11.83 -6.63
C24 GED B . -11.13 9.19 -5.83
C28 GED B . -12.26 8.28 -3.64
C28 GED B . -5.61 13.24 -5.06
C01 GED B . -7.27 7.91 -1.35
C01 GED B . -6.17 8.53 -1.56
C02 GED B . -7.13 6.57 -0.88
C02 GED B . -4.85 8.08 -1.29
C03 GED B . -5.85 6.05 -0.66
C03 GED B . -4.65 6.77 -0.85
C04 GED B . -4.72 6.83 -0.88
C04 GED B . -5.74 5.92 -0.68
C05 GED B . -4.87 8.14 -1.34
C05 GED B . -7.02 6.36 -0.94
C06 GED B . -6.17 8.67 -1.57
C06 GED B . -7.23 7.70 -1.39
C07 GED B . -6.31 10.02 -2.04
C07 GED B . -8.55 8.18 -1.64
C08 GED B . -7.57 10.54 -2.27
C08 GED B . -8.75 9.47 -2.11
C09 GED B . -8.70 9.75 -2.04
C09 GED B . -7.66 10.32 -2.29
C18 GED B . -10.98 7.80 -3.90
C18 GED B . -5.70 11.86 -4.94
C23 GED B . -7.36 13.22 -6.70
C23 GED B . -12.41 9.57 -5.47
C25 GED B . -6.55 11.15 -5.79
C25 GED B . -10.44 8.25 -5.06
C27 GED B . -9.28 14.55 -6.91
C27 GED B . -14.49 10.36 -6.21
C29 GED B . -12.86 9.17 -4.52
C29 GED B . -6.46 13.92 -5.92
C30 GED B . -12.19 9.58 -5.66
C30 GED B . -7.41 13.23 -6.66
C31 GED B . -10.90 9.12 -5.91
C31 GED B . -7.50 11.85 -6.55
C32 GED B . -10.29 8.23 -5.03
C32 GED B . -6.64 11.16 -5.69
C34 GED B . -14.29 10.65 -6.72
C34 GED B . -9.60 14.49 -7.11
C35 GED B . -14.91 11.66 -7.71
C35 GED B . -10.52 15.26 -8.10
C37 GED B . -14.30 13.08 -7.58
C37 GED B . -10.19 16.76 -8.15
C38 GED B . -10.75 7.75 -0.30
C38 GED B . -4.66 11.39 -1.03
C39 GED B . -10.12 7.78 1.07
C39 GED B . -4.91 12.89 -1.01
C42 GED B . -4.50 11.56 -1.19
C42 GED B . -10.52 7.05 -0.32
C43 GED B . -5.05 12.98 -1.04
C43 GED B . -10.15 7.81 0.95
C47 GED B . -14.75 15.16 -6.51
C47 GED B . -8.93 17.63 -10.01
C48 GED B . -15.26 15.95 -5.49
C48 GED B . -8.81 18.03 -11.34
C50 GED B . -16.01 14.04 -4.45
C50 GED B . -11.04 17.53 -11.64
C51 GED B . -15.49 13.25 -5.47
C51 GED B . -11.16 17.13 -10.33
C52 GED B . -16.43 16.16 -3.39
C52 GED B . -9.80 18.39 -13.51
C53 GED B . -16.14 15.51 -2.04
C53 GED B . -9.97 17.18 -14.44
N11 GED B . -9.80 7.67 -1.39
N11 GED B . -5.23 10.75 -2.21
N33 GED B . -12.83 10.53 -6.59
N33 GED B . -8.31 13.96 -7.57
N40 GED B . -10.07 6.55 1.84
N40 GED B . -6.04 13.45 -1.74
N44 GED B . -4.48 13.90 -0.08
N44 GED B . -10.01 9.25 0.95
N46 GED B . -14.87 13.85 -6.48
N46 GED B . -10.08 17.19 -9.54
N49 GED B . -15.88 15.35 -4.48
N49 GED B . -9.89 17.98 -12.11
O15 GED B . -4.25 9.63 -4.46
O15 GED B . -10.94 5.28 -2.64
O16 GED B . -3.19 11.55 -3.90
O16 GED B . -9.03 5.94 -3.65
O19 GED B . -9.04 5.94 -3.27
O19 GED B . -3.26 11.61 -3.78
O20 GED B . -11.07 5.53 -2.30
O20 GED B . -4.24 9.67 -4.44
O26 GED B . -8.21 13.92 -7.55
O26 GED B . -13.10 10.51 -6.24
O36 GED B . -15.02 9.98 -6.07
O36 GED B . -9.95 14.31 -5.99
O41 GED B . -9.70 8.79 1.49
O41 GED B . -4.17 13.61 -0.42
O45 GED B . -5.96 13.34 -1.72
O45 GED B . -10.00 7.19 1.95
S14 GED B . -4.53 10.95 -3.89
S14 GED B . -10.17 6.49 -2.93
S17 GED B . -10.20 6.65 -2.72
S17 GED B . -4.57 10.96 -3.81
H211 GED B . -4.89 13.78 -4.45
H211 GED B . -12.81 7.68 -2.70
H221 GED B . -6.41 15.00 -5.96
H221 GED B . -14.01 9.34 -4.06
H241 GED B . -8.12 11.29 -7.25
H241 GED B . -10.65 9.61 -6.71
H281 GED B . -12.77 7.96 -2.75
H281 GED B . -4.87 13.78 -4.48
H021 GED B . -7.99 5.96 -0.71
H021 GED B . -4.01 8.73 -1.43
H031 GED B . -5.74 5.04 -0.30
H031 GED B . -3.64 6.41 -0.65
H041 GED B . -3.73 6.43 -0.71
H041 GED B . -5.58 4.90 -0.33
H051 GED B . -3.99 8.75 -1.51
H051 GED B . -7.86 5.70 -0.80
H081 GED B . -7.67 11.55 -2.64
H081 GED B . -9.75 9.82 -2.33
H091 GED B . -9.69 10.16 -2.25
H091 GED B . -7.82 11.34 -2.63
H251 GED B . -6.59 10.07 -5.74
H251 GED B . -9.45 7.96 -5.34
H273 GED B . -10.17 14.49 -7.53
H273 GED B . -14.87 10.67 -5.24
H271 GED B . -9.02 15.59 -6.72
H271 GED B . -14.74 9.31 -6.38
H272 GED B . -9.47 14.05 -5.97
H272 GED B . -14.94 10.96 -7.00
H291 GED B . -13.86 9.53 -4.31
H291 GED B . -6.39 15.00 -6.01
H311 GED B . -10.38 9.46 -6.80
H311 GED B . -8.23 11.30 -7.13
H321 GED B . -9.29 7.88 -5.22
H321 GED B . -6.71 10.09 -5.61
H351 GED B . -14.74 11.31 -8.73
H351 GED B . -10.38 14.84 -9.09
H352 GED B . -15.98 11.72 -7.53
H352 GED B . -11.55 15.13 -7.79
H372 GED B . -14.48 13.62 -8.51
H372 GED B . -9.25 16.95 -7.64
H371 GED B . -13.24 12.98 -7.42
H371 GED B . -10.99 17.32 -7.66
H382 GED B . -11.40 6.89 -0.36
H382 GED B . -5.10 10.96 -0.14
H381 GED B . -11.34 8.66 -0.42
H381 GED B . -3.59 11.22 -1.02
H422 GED B . -3.44 11.61 -1.38
H422 GED B . -10.46 6.00 -0.10
H421 GED B . -4.67 11.02 -0.27
H421 GED B . -11.54 7.31 -0.57
H521 GED B . -17.50 16.25 -3.52
H521 GED B . -8.84 18.84 -13.68
H522 GED B . -15.98 17.15 -3.42
H522 GED B . -10.58 19.11 -13.71
H533 GED B . -16.81 14.66 -1.89
H533 GED B . -9.79 17.49 -15.47
H532 GED B . -16.29 16.23 -1.24
H532 GED B . -10.98 16.79 -14.36
H531 GED B . -15.11 15.15 -2.02
H531 GED B . -9.26 16.41 -14.17
H331 GED B . -12.25 11.12 -7.16
H331 GED B . -8.03 14.12 -8.52
H401 GED B . -10.43 5.70 1.46
H401 GED B . -6.20 14.43 -1.72
H402 GED B . -9.65 6.55 2.76
H402 GED B . -6.65 12.84 -2.24
H442 GED B . -4.84 14.83 0.00
H442 GED B . -10.15 9.77 0.10
H441 GED B . -3.71 13.61 0.50
H441 GED B . -9.76 9.72 1.80
H3 GED B . -15.15 17.02 -5.51
H3 GED B . -7.88 18.39 -11.73
H4 GED B . -14.23 15.63 -7.34
H4 GED B . -8.07 17.68 -9.36
H2 GED B . -15.60 12.17 -5.44
H2 GED B . -12.09 16.77 -9.93
H1 GED B . -16.52 13.57 -3.61
H1 GED B . -11.90 17.48 -12.30
#